data_2C3F
#
_entry.id   2C3F
#
_cell.length_a   58.534
_cell.length_b   58.534
_cell.length_c   586.585
_cell.angle_alpha   90.00
_cell.angle_beta   90.00
_cell.angle_gamma   120.00
#
_symmetry.space_group_name_H-M   'H 3 2'
#
loop_
_entity.id
_entity.type
_entity.pdbx_description
1 polymer 'HYALURONIDASE, PHAGE ASSOCIATED'
2 non-polymer 'SODIUM ION'
3 water water
#
_entity_poly.entity_id   1
_entity_poly.type   'polypeptide(L)'
_entity_poly.pdbx_seq_one_letter_code
;MGSSHHHHHHSSGLVPRGSHMSSENIPLRVQFKRMKAAEWARSDVILLESEIGFETDTGFARAGDGHNRFSDLGYISPLD
YNLLTNKPNIDGLATKVETAQKLQQKADKETVYTKAESKQELDKKLNLKGGVMTGQLKFKPAATVAYSSSTGGAVNIDLS
STRGAGVVVYSDNDTSDGPLMSLRTGKETFNQSALFVDYKGTTNAVNIAMRQPTTPNFSSALNITSGNENGSAMQLRGSE
KALGTLKITHENPSIGADYDKNAAALSIDIVKKTNGAGTAAQGIYINSTSGTTGKLLRIRNLSDDKFYVKSDGGFYAKET
SQIDGNLKLKDPTANDHAATKAYVDKAISELKKLILKK
;
_entity_poly.pdbx_strand_id   A
#
loop_
_chem_comp.id
_chem_comp.type
_chem_comp.name
_chem_comp.formula
NA non-polymer 'SODIUM ION' 'Na 1'
#
# COMPACT_ATOMS: atom_id res chain seq x y z
N LEU A 28 -45.73 -91.80 54.85
CA LEU A 28 -45.09 -90.68 55.59
C LEU A 28 -45.33 -89.36 54.88
N ARG A 29 -45.82 -88.38 55.62
CA ARG A 29 -45.68 -86.98 55.20
C ARG A 29 -44.81 -86.39 56.29
N VAL A 30 -43.56 -86.12 55.96
CA VAL A 30 -42.61 -85.67 56.98
C VAL A 30 -42.79 -84.17 57.20
N GLN A 31 -42.77 -83.73 58.45
CA GLN A 31 -42.65 -82.32 58.75
C GLN A 31 -41.39 -82.11 59.57
N PHE A 32 -40.87 -80.90 59.54
CA PHE A 32 -39.50 -80.62 60.04
C PHE A 32 -39.59 -79.69 61.18
N LYS A 33 -38.56 -79.67 62.04
CA LYS A 33 -38.49 -78.65 63.08
C LYS A 33 -38.62 -77.26 62.39
N ARG A 34 -39.42 -76.34 62.92
CA ARG A 34 -39.70 -75.15 62.17
C ARG A 34 -40.18 -74.01 63.10
N MET A 35 -39.85 -72.78 62.73
CA MET A 35 -40.30 -71.56 63.41
C MET A 35 -39.97 -70.39 62.50
N LYS A 36 -40.27 -69.15 62.91
CA LYS A 36 -39.92 -68.04 62.06
C LYS A 36 -38.41 -67.79 61.99
N ALA A 37 -37.97 -67.20 60.90
CA ALA A 37 -36.56 -66.92 60.71
C ALA A 37 -35.93 -66.20 61.92
N ALA A 38 -36.64 -65.18 62.44
CA ALA A 38 -36.16 -64.44 63.63
C ALA A 38 -36.05 -65.31 64.90
N GLU A 39 -36.97 -66.26 65.05
CA GLU A 39 -37.02 -67.17 66.15
C GLU A 39 -35.86 -68.15 66.07
N TRP A 40 -35.64 -68.67 64.87
CA TRP A 40 -34.44 -69.50 64.62
C TRP A 40 -33.13 -68.78 65.02
N ALA A 41 -33.00 -67.51 64.68
CA ALA A 41 -31.72 -66.80 64.86
C ALA A 41 -31.33 -66.65 66.32
N ARG A 42 -32.31 -66.77 67.21
CA ARG A 42 -32.09 -66.79 68.64
C ARG A 42 -32.18 -68.18 69.27
N SER A 43 -32.48 -69.21 68.49
CA SER A 43 -32.73 -70.53 69.05
C SER A 43 -31.43 -71.21 69.42
N ASP A 44 -31.46 -72.07 70.44
CA ASP A 44 -30.28 -72.91 70.80
C ASP A 44 -30.36 -74.31 70.20
N VAL A 45 -31.39 -74.55 69.39
CA VAL A 45 -31.66 -75.86 68.84
C VAL A 45 -30.52 -76.20 67.91
N ILE A 46 -29.89 -77.35 68.14
CA ILE A 46 -28.83 -77.83 67.23
C ILE A 46 -29.36 -78.95 66.34
N LEU A 47 -29.50 -78.66 65.05
CA LEU A 47 -29.96 -79.67 64.06
C LEU A 47 -28.88 -80.74 63.87
N LEU A 48 -29.29 -81.99 63.72
CA LEU A 48 -28.28 -83.05 63.41
C LEU A 48 -27.68 -82.88 62.03
N GLU A 49 -26.54 -83.54 61.78
CA GLU A 49 -25.93 -83.43 60.49
C GLU A 49 -26.96 -83.90 59.43
N SER A 50 -27.26 -83.02 58.47
CA SER A 50 -28.24 -83.21 57.35
C SER A 50 -29.68 -82.99 57.77
N GLU A 51 -29.95 -82.83 59.06
CA GLU A 51 -31.36 -82.68 59.48
C GLU A 51 -31.84 -81.31 59.03
N ILE A 52 -33.02 -81.26 58.42
CA ILE A 52 -33.52 -80.00 57.88
C ILE A 52 -34.38 -79.25 58.93
N GLY A 53 -34.22 -77.94 58.95
CA GLY A 53 -35.08 -77.02 59.75
C GLY A 53 -35.63 -76.02 58.78
N PHE A 54 -36.85 -75.54 59.06
CA PHE A 54 -37.58 -74.75 58.11
C PHE A 54 -37.98 -73.40 58.72
N GLU A 55 -37.78 -72.34 57.96
CA GLU A 55 -38.24 -70.98 58.35
C GLU A 55 -39.68 -70.76 57.87
N THR A 56 -40.62 -70.68 58.79
CA THR A 56 -42.04 -70.75 58.39
C THR A 56 -42.51 -69.48 57.65
N ASP A 57 -41.84 -68.35 57.86
CA ASP A 57 -42.26 -67.08 57.25
C ASP A 57 -41.50 -66.80 55.97
N THR A 58 -40.45 -67.57 55.69
CA THR A 58 -39.68 -67.31 54.47
C THR A 58 -39.82 -68.47 53.47
N GLY A 59 -40.18 -69.65 53.98
CA GLY A 59 -40.21 -70.86 53.13
C GLY A 59 -38.85 -71.49 52.85
N PHE A 60 -37.81 -71.02 53.51
CA PHE A 60 -36.44 -71.50 53.26
C PHE A 60 -36.02 -72.54 54.26
N ALA A 61 -35.18 -73.49 53.81
CA ALA A 61 -34.66 -74.53 54.71
C ALA A 61 -33.16 -74.38 54.86
N ARG A 62 -32.63 -74.92 55.94
CA ARG A 62 -31.19 -75.06 56.14
C ARG A 62 -30.98 -76.43 56.77
N ALA A 63 -29.82 -77.02 56.52
CA ALA A 63 -29.58 -78.35 57.05
C ALA A 63 -28.48 -78.32 58.09
N GLY A 64 -28.61 -79.13 59.13
CA GLY A 64 -27.65 -79.04 60.29
C GLY A 64 -26.31 -79.62 59.91
N ASP A 65 -25.29 -79.18 60.65
CA ASP A 65 -23.96 -79.83 60.59
C ASP A 65 -23.65 -80.65 61.86
N GLY A 66 -24.56 -80.64 62.82
CA GLY A 66 -24.47 -81.37 64.06
C GLY A 66 -23.86 -80.53 65.18
N HIS A 67 -23.54 -79.28 64.88
CA HIS A 67 -22.96 -78.41 65.91
C HIS A 67 -23.35 -76.97 65.85
N ASN A 68 -23.53 -76.40 64.64
CA ASN A 68 -23.82 -74.99 64.52
C ASN A 68 -25.27 -74.67 64.81
N ARG A 69 -25.49 -73.50 65.41
CA ARG A 69 -26.86 -73.02 65.55
C ARG A 69 -27.39 -72.60 64.19
N PHE A 70 -28.71 -72.42 64.11
CA PHE A 70 -29.39 -72.31 62.80
C PHE A 70 -28.96 -71.09 62.06
N SER A 71 -28.75 -69.97 62.76
CA SER A 71 -28.29 -68.77 62.05
C SER A 71 -26.94 -68.91 61.45
N ASP A 72 -26.16 -69.88 61.93
CA ASP A 72 -24.85 -70.15 61.34
C ASP A 72 -24.79 -71.23 60.26
N LEU A 73 -25.96 -71.75 59.90
CA LEU A 73 -26.06 -72.76 58.84
C LEU A 73 -26.31 -72.06 57.53
N GLY A 74 -25.91 -72.71 56.44
CA GLY A 74 -26.10 -72.10 55.14
C GLY A 74 -27.45 -72.63 54.59
N TYR A 75 -27.96 -71.98 53.54
CA TYR A 75 -29.17 -72.52 52.91
C TYR A 75 -28.83 -73.82 52.16
N ILE A 76 -29.88 -74.52 51.77
CA ILE A 76 -29.72 -75.90 51.27
C ILE A 76 -29.42 -75.95 49.79
N SER A 77 -29.33 -74.78 49.14
CA SER A 77 -28.98 -74.71 47.74
C SER A 77 -28.12 -73.45 47.51
N PRO A 78 -27.22 -73.46 46.49
CA PRO A 78 -26.23 -72.41 46.37
C PRO A 78 -26.82 -71.03 46.15
N LEU A 79 -26.08 -70.04 46.63
CA LEU A 79 -26.42 -68.64 46.49
C LEU A 79 -25.18 -67.92 45.99
N ASP A 80 -24.45 -68.53 45.07
CA ASP A 80 -23.17 -68.00 44.62
C ASP A 80 -23.40 -67.56 43.19
N TYR A 81 -23.22 -66.27 42.92
CA TYR A 81 -23.45 -65.73 41.57
C TYR A 81 -22.71 -66.53 40.47
N ASN A 82 -21.48 -66.92 40.76
CA ASN A 82 -20.68 -67.72 39.83
C ASN A 82 -21.36 -68.98 39.32
N LEU A 83 -22.22 -69.59 40.15
CA LEU A 83 -22.88 -70.84 39.83
C LEU A 83 -24.18 -70.70 39.03
N LEU A 84 -24.65 -69.48 38.82
CA LEU A 84 -25.90 -69.28 38.09
C LEU A 84 -25.81 -69.68 36.61
N THR A 85 -26.95 -70.03 36.01
CA THR A 85 -27.02 -70.21 34.57
C THR A 85 -27.67 -68.96 34.01
N ASN A 86 -27.55 -68.73 32.70
CA ASN A 86 -28.17 -67.54 32.09
C ASN A 86 -27.68 -66.19 32.67
N LYS A 87 -26.41 -66.13 33.00
CA LYS A 87 -25.85 -64.94 33.54
C LYS A 87 -25.82 -63.86 32.46
N PRO A 88 -26.03 -62.59 32.86
CA PRO A 88 -25.84 -61.51 31.88
C PRO A 88 -24.38 -61.42 31.42
N ASN A 89 -24.17 -60.85 30.24
CA ASN A 89 -22.83 -60.66 29.73
C ASN A 89 -22.09 -59.50 30.38
N ILE A 90 -21.71 -59.66 31.65
CA ILE A 90 -21.08 -58.57 32.43
C ILE A 90 -19.81 -58.05 31.76
N ASP A 91 -19.02 -58.96 31.20
CA ASP A 91 -17.74 -58.59 30.63
C ASP A 91 -17.90 -57.74 29.37
N GLY A 92 -19.11 -57.73 28.81
CA GLY A 92 -19.44 -56.85 27.67
C GLY A 92 -19.89 -55.43 28.00
N LEU A 93 -20.04 -55.15 29.28
CA LEU A 93 -20.58 -53.86 29.77
C LEU A 93 -19.41 -52.92 30.08
N ALA A 94 -19.55 -51.64 29.74
CA ALA A 94 -18.49 -50.66 29.94
C ALA A 94 -18.40 -50.28 31.42
N THR A 95 -17.17 -50.11 31.95
CA THR A 95 -17.05 -49.60 33.32
C THR A 95 -17.03 -48.09 33.33
N LYS A 96 -17.41 -47.49 34.47
CA LYS A 96 -17.37 -46.03 34.58
C LYS A 96 -15.94 -45.53 34.39
N VAL A 97 -14.98 -46.29 34.92
CA VAL A 97 -13.58 -45.89 34.82
C VAL A 97 -13.08 -45.87 33.37
N GLU A 98 -13.39 -46.93 32.62
CA GLU A 98 -12.84 -47.06 31.26
C GLU A 98 -13.49 -46.00 30.37
N THR A 99 -14.79 -45.79 30.59
CA THR A 99 -15.53 -44.76 29.85
C THR A 99 -14.97 -43.36 30.10
N ALA A 100 -14.75 -43.02 31.37
CA ALA A 100 -14.16 -41.74 31.73
C ALA A 100 -12.75 -41.58 31.13
N GLN A 101 -11.96 -42.66 31.10
CA GLN A 101 -10.61 -42.58 30.53
C GLN A 101 -10.66 -42.24 29.04
N LYS A 102 -11.57 -42.90 28.34
CA LYS A 102 -11.75 -42.62 26.92
C LYS A 102 -12.31 -41.23 26.65
N LEU A 103 -13.31 -40.81 27.45
CA LEU A 103 -13.88 -39.47 27.25
C LEU A 103 -12.81 -38.39 27.50
N GLN A 104 -11.85 -38.65 28.38
CA GLN A 104 -10.76 -37.70 28.63
C GLN A 104 -10.05 -37.29 27.34
N GLN A 105 -9.89 -38.22 26.39
CA GLN A 105 -9.22 -37.93 25.12
C GLN A 105 -10.06 -37.14 24.13
N LYS A 106 -11.34 -36.93 24.43
CA LYS A 106 -12.23 -36.29 23.47
C LYS A 106 -12.37 -34.82 23.76
N ALA A 107 -12.45 -34.03 22.69
CA ALA A 107 -12.63 -32.59 22.80
C ALA A 107 -14.02 -32.15 23.26
N ASP A 108 -14.02 -31.23 24.24
CA ASP A 108 -15.25 -30.66 24.77
C ASP A 108 -15.79 -29.66 23.77
N LYS A 109 -17.10 -29.73 23.51
CA LYS A 109 -17.80 -28.78 22.66
C LYS A 109 -17.48 -27.34 23.01
N GLU A 110 -17.48 -27.03 24.31
CA GLU A 110 -17.32 -25.64 24.77
C GLU A 110 -16.00 -25.03 24.32
N THR A 111 -14.96 -25.86 24.15
CA THR A 111 -13.60 -25.33 24.02
C THR A 111 -13.02 -25.47 22.61
N VAL A 112 -13.89 -25.66 21.62
CA VAL A 112 -13.48 -25.86 20.23
C VAL A 112 -14.51 -25.17 19.33
N TYR A 113 -14.06 -24.51 18.24
CA TYR A 113 -14.99 -23.86 17.31
C TYR A 113 -15.61 -24.89 16.36
N THR A 114 -16.88 -24.70 16.03
CA THR A 114 -17.47 -25.48 14.96
C THR A 114 -16.88 -25.05 13.61
N LYS A 115 -17.02 -25.89 12.60
CA LYS A 115 -16.65 -25.52 11.23
C LYS A 115 -17.35 -24.22 10.83
N ALA A 116 -18.63 -24.11 11.13
CA ALA A 116 -19.38 -22.88 10.82
C ALA A 116 -18.73 -21.67 11.50
N GLU A 117 -18.40 -21.79 12.78
CA GLU A 117 -17.68 -20.71 13.46
C GLU A 117 -16.30 -20.43 12.85
N SER A 118 -15.52 -21.47 12.59
CA SER A 118 -14.22 -21.30 11.92
C SER A 118 -14.34 -20.54 10.58
N LYS A 119 -15.34 -20.91 9.78
CA LYS A 119 -15.56 -20.30 8.49
C LYS A 119 -15.91 -18.83 8.65
N GLN A 120 -16.69 -18.52 9.69
CA GLN A 120 -17.11 -17.15 9.96
C GLN A 120 -15.86 -16.30 10.26
N GLU A 121 -14.95 -16.85 11.05
CA GLU A 121 -13.73 -16.18 11.42
C GLU A 121 -12.74 -16.04 10.25
N LEU A 122 -12.57 -17.12 9.50
CA LEU A 122 -11.66 -17.09 8.35
C LEU A 122 -12.10 -16.14 7.25
N ASP A 123 -13.40 -16.12 6.97
CA ASP A 123 -13.94 -15.19 5.98
C ASP A 123 -13.67 -13.69 6.28
N LYS A 124 -13.24 -13.39 7.49
CA LYS A 124 -12.96 -12.01 7.85
C LYS A 124 -11.53 -11.61 7.55
N LYS A 125 -10.73 -12.59 7.11
CA LYS A 125 -9.29 -12.44 6.90
C LYS A 125 -8.93 -12.47 5.42
N LEU A 126 -7.86 -11.75 5.07
CA LEU A 126 -7.46 -11.65 3.66
C LEU A 126 -6.73 -12.86 3.14
N ASN A 127 -7.19 -13.35 2.00
CA ASN A 127 -6.56 -14.41 1.23
C ASN A 127 -5.35 -13.89 0.52
N LEU A 128 -4.28 -14.66 0.53
CA LEU A 128 -3.11 -14.36 -0.31
C LEU A 128 -3.46 -14.32 -1.81
N LYS A 129 -4.48 -15.07 -2.20
CA LYS A 129 -4.96 -15.06 -3.58
C LYS A 129 -5.40 -13.67 -4.03
N GLY A 130 -5.98 -12.90 -3.12
CA GLY A 130 -6.54 -11.61 -3.47
C GLY A 130 -7.81 -11.39 -2.70
N GLY A 131 -8.21 -10.14 -2.53
CA GLY A 131 -9.40 -9.84 -1.75
C GLY A 131 -9.69 -8.37 -1.78
N VAL A 132 -10.81 -8.00 -1.15
CA VAL A 132 -11.24 -6.61 -1.11
C VAL A 132 -11.14 -6.09 0.32
N MET A 133 -10.26 -5.12 0.54
CA MET A 133 -10.15 -4.49 1.84
C MET A 133 -11.28 -3.47 1.95
N THR A 134 -11.88 -3.35 3.13
CA THR A 134 -12.92 -2.33 3.33
C THR A 134 -12.49 -1.29 4.38
N GLY A 135 -11.32 -1.52 4.96
CA GLY A 135 -10.77 -0.58 5.95
C GLY A 135 -9.32 -0.31 5.65
N GLN A 136 -8.70 0.51 6.51
CA GLN A 136 -7.34 0.99 6.25
C GLN A 136 -6.30 -0.08 6.49
N LEU A 137 -5.39 -0.21 5.53
CA LEU A 137 -4.22 -1.03 5.72
C LEU A 137 -3.03 -0.15 6.15
N LYS A 138 -2.60 -0.28 7.41
CA LYS A 138 -1.47 0.52 7.92
C LYS A 138 -0.18 -0.27 7.94
N PHE A 139 0.93 0.39 7.65
CA PHE A 139 2.24 -0.24 7.75
C PHE A 139 3.04 0.58 8.74
N LYS A 140 3.62 -0.14 9.70
CA LYS A 140 4.52 0.44 10.69
C LYS A 140 5.64 -0.58 10.85
N PRO A 141 6.62 -0.54 9.93
CA PRO A 141 7.64 -1.58 9.82
C PRO A 141 8.40 -1.92 11.13
N ALA A 142 8.39 -3.20 11.51
CA ALA A 142 9.01 -3.65 12.74
C ALA A 142 10.50 -3.37 12.73
N THR A 151 15.22 -6.92 -1.82
CA THR A 151 14.72 -5.65 -2.28
C THR A 151 13.55 -5.14 -1.43
N GLY A 152 13.59 -3.84 -1.14
CA GLY A 152 12.94 -3.24 0.00
C GLY A 152 11.52 -2.79 -0.22
N GLY A 153 11.07 -1.88 0.64
CA GLY A 153 9.68 -1.45 0.62
C GLY A 153 8.86 -2.15 1.68
N ALA A 154 8.09 -1.37 2.42
CA ALA A 154 6.99 -1.93 3.20
C ALA A 154 6.06 -2.65 2.22
N VAL A 155 5.89 -2.09 1.04
CA VAL A 155 5.09 -2.71 -0.02
C VAL A 155 6.06 -2.92 -1.16
N ASN A 156 6.17 -4.15 -1.65
CA ASN A 156 7.16 -4.47 -2.73
C ASN A 156 6.42 -5.17 -3.83
N ILE A 157 6.46 -4.59 -5.03
CA ILE A 157 5.71 -5.13 -6.17
C ILE A 157 6.65 -5.44 -7.32
N ASP A 158 6.68 -6.70 -7.70
CA ASP A 158 7.64 -7.15 -8.73
C ASP A 158 6.83 -7.59 -9.92
N LEU A 159 6.93 -6.83 -11.01
CA LEU A 159 6.09 -7.09 -12.19
C LEU A 159 6.90 -7.75 -13.31
N SER A 160 8.09 -8.25 -12.97
CA SER A 160 9.04 -8.78 -13.98
C SER A 160 8.48 -9.95 -14.79
N SER A 161 7.50 -10.66 -14.25
CA SER A 161 6.93 -11.83 -14.94
C SER A 161 5.51 -11.64 -15.44
N THR A 162 4.92 -10.45 -15.26
CA THR A 162 3.53 -10.23 -15.66
C THR A 162 3.40 -8.94 -16.50
N ARG A 163 2.22 -8.76 -17.09
CA ARG A 163 1.97 -7.68 -18.06
C ARG A 163 0.94 -6.69 -17.51
N GLY A 164 0.60 -6.81 -16.23
CA GLY A 164 -0.37 -5.88 -15.59
C GLY A 164 0.32 -4.71 -14.88
N ALA A 165 -0.47 -3.74 -14.43
CA ALA A 165 0.04 -2.57 -13.72
C ALA A 165 0.41 -2.90 -12.27
N GLY A 166 1.20 -2.05 -11.62
CA GLY A 166 1.57 -2.26 -10.22
C GLY A 166 0.53 -1.66 -9.25
N VAL A 167 0.46 -0.33 -9.18
CA VAL A 167 -0.45 0.32 -8.28
C VAL A 167 -1.36 1.21 -9.06
N VAL A 168 -2.66 0.96 -8.95
CA VAL A 168 -3.67 1.64 -9.73
C VAL A 168 -4.58 2.31 -8.74
N VAL A 169 -4.56 3.65 -8.74
CA VAL A 169 -5.47 4.43 -7.92
C VAL A 169 -6.34 5.30 -8.82
N TYR A 170 -7.62 5.32 -8.53
CA TYR A 170 -8.57 6.13 -9.32
C TYR A 170 -9.74 6.61 -8.54
N SER A 171 -10.32 7.67 -9.03
CA SER A 171 -11.51 8.19 -8.39
C SER A 171 -12.39 8.78 -9.45
N ASP A 172 -13.62 8.28 -9.50
CA ASP A 172 -14.68 8.95 -10.24
C ASP A 172 -15.63 9.66 -9.27
N ASN A 173 -15.12 10.05 -8.11
CA ASN A 173 -15.94 10.85 -7.22
C ASN A 173 -16.00 12.31 -7.69
N ASP A 174 -17.11 13.02 -7.42
CA ASP A 174 -17.22 14.42 -7.82
C ASP A 174 -16.16 15.28 -7.16
N THR A 175 -15.97 15.03 -5.87
CA THR A 175 -15.02 15.78 -5.08
C THR A 175 -14.46 14.89 -3.99
N SER A 176 -13.49 15.42 -3.25
CA SER A 176 -12.85 14.62 -2.22
C SER A 176 -12.15 15.54 -1.23
N ASP A 177 -11.71 15.00 -0.12
CA ASP A 177 -10.97 15.77 0.86
C ASP A 177 -9.51 15.43 0.86
N GLY A 178 -9.11 14.49 -0.01
CA GLY A 178 -7.70 14.09 -0.03
C GLY A 178 -7.22 13.75 -1.44
N PRO A 179 -5.91 13.86 -1.67
CA PRO A 179 -5.37 13.49 -2.98
C PRO A 179 -5.41 11.98 -3.22
N LEU A 180 -5.29 11.55 -4.48
CA LEU A 180 -5.14 10.11 -4.72
C LEU A 180 -3.90 9.55 -3.99
N MET A 181 -2.85 10.34 -3.93
CA MET A 181 -1.58 9.82 -3.40
C MET A 181 -0.86 10.99 -2.80
N SER A 182 -0.27 10.72 -1.63
CA SER A 182 0.39 11.78 -0.86
C SER A 182 1.71 11.26 -0.31
N LEU A 183 2.79 12.04 -0.49
CA LEU A 183 4.13 11.68 -0.03
C LEU A 183 4.61 12.88 0.79
N ARG A 184 4.98 12.64 2.05
CA ARG A 184 5.37 13.75 2.92
C ARG A 184 6.58 13.43 3.79
N THR A 185 7.53 14.36 3.86
CA THR A 185 8.68 14.18 4.76
C THR A 185 8.68 15.36 5.72
N GLY A 186 9.09 15.14 6.96
CA GLY A 186 8.85 16.16 7.98
C GLY A 186 10.07 16.78 8.61
N LYS A 187 11.23 16.16 8.42
CA LYS A 187 12.49 16.68 9.02
C LYS A 187 13.42 17.31 7.99
N GLU A 188 14.05 18.43 8.35
CA GLU A 188 14.94 19.17 7.45
C GLU A 188 16.21 18.42 7.06
N THR A 189 16.54 17.38 7.84
CA THR A 189 17.70 16.54 7.55
C THR A 189 17.42 15.39 6.59
N PHE A 190 16.14 15.18 6.26
CA PHE A 190 15.75 13.98 5.55
C PHE A 190 16.58 13.83 4.29
N ASN A 191 17.21 12.68 4.11
CA ASN A 191 18.26 12.56 3.10
C ASN A 191 17.92 11.64 1.93
N GLN A 192 16.63 11.41 1.71
CA GLN A 192 16.18 10.62 0.57
C GLN A 192 15.03 11.37 -0.12
N SER A 193 14.72 10.97 -1.34
CA SER A 193 13.64 11.64 -2.08
C SER A 193 12.29 11.10 -1.62
N ALA A 194 11.22 11.89 -1.87
CA ALA A 194 9.90 11.34 -1.71
C ALA A 194 9.62 10.36 -2.83
N LEU A 195 10.02 10.69 -4.04
CA LEU A 195 9.73 9.77 -5.18
C LEU A 195 10.95 9.72 -6.06
N PHE A 196 11.41 8.51 -6.32
CA PHE A 196 12.60 8.26 -7.15
C PHE A 196 12.20 7.35 -8.34
N VAL A 197 12.42 7.84 -9.56
CA VAL A 197 12.01 7.06 -10.76
C VAL A 197 13.33 6.74 -11.43
N ASP A 198 13.61 5.45 -11.61
CA ASP A 198 14.85 5.02 -12.24
C ASP A 198 14.44 4.24 -13.52
N TYR A 199 14.56 4.84 -14.69
CA TYR A 199 13.77 4.31 -15.82
C TYR A 199 14.63 3.93 -17.02
N LYS A 200 14.46 2.69 -17.47
CA LYS A 200 14.92 2.27 -18.81
C LYS A 200 13.70 1.85 -19.59
N GLY A 201 13.67 2.21 -20.86
CA GLY A 201 12.51 1.90 -21.71
C GLY A 201 12.42 2.73 -22.99
N THR A 202 11.32 2.52 -23.72
CA THR A 202 11.11 3.09 -25.01
C THR A 202 10.00 4.13 -24.96
N THR A 203 9.40 4.38 -23.79
CA THR A 203 8.37 5.44 -23.72
C THR A 203 8.72 6.46 -22.61
N ASN A 204 7.77 7.33 -22.23
CA ASN A 204 8.13 8.38 -21.29
C ASN A 204 8.15 7.80 -19.93
N ALA A 205 9.18 8.14 -19.13
CA ALA A 205 9.29 7.60 -17.78
C ALA A 205 8.09 8.00 -16.93
N VAL A 206 7.73 9.27 -17.03
CA VAL A 206 6.56 9.83 -16.33
C VAL A 206 5.77 10.63 -17.34
N ASN A 207 4.47 10.37 -17.39
CA ASN A 207 3.55 11.02 -18.34
C ASN A 207 2.43 11.63 -17.51
N ILE A 208 2.16 12.93 -17.65
CA ILE A 208 1.05 13.55 -16.94
C ILE A 208 0.17 14.15 -18.02
N ALA A 209 -1.08 13.72 -18.06
CA ALA A 209 -2.02 14.29 -19.04
C ALA A 209 -3.15 14.98 -18.29
N MET A 210 -3.28 16.29 -18.48
CA MET A 210 -4.44 17.00 -17.96
C MET A 210 -5.39 17.09 -19.11
N ARG A 211 -6.46 16.31 -19.04
CA ARG A 211 -7.45 16.20 -20.14
C ARG A 211 -8.20 17.50 -20.31
N GLN A 212 -8.62 17.79 -21.53
CA GLN A 212 -9.41 19.00 -21.76
C GLN A 212 -10.74 18.95 -20.98
N PRO A 213 -10.98 19.92 -20.10
CA PRO A 213 -12.23 19.92 -19.34
C PRO A 213 -13.43 20.36 -20.20
N THR A 214 -14.65 20.00 -19.80
CA THR A 214 -15.84 20.45 -20.54
C THR A 214 -15.79 21.96 -20.68
N THR A 215 -15.52 22.63 -19.56
CA THR A 215 -15.26 24.05 -19.60
C THR A 215 -13.90 24.33 -18.93
N PRO A 216 -13.11 25.26 -19.51
CA PRO A 216 -11.75 25.60 -19.01
C PRO A 216 -11.72 26.05 -17.56
N ASN A 217 -10.63 25.75 -16.86
CA ASN A 217 -10.50 26.16 -15.46
C ASN A 217 -9.05 26.60 -15.14
N PHE A 218 -8.74 26.95 -13.89
CA PHE A 218 -7.44 27.57 -13.58
C PHE A 218 -6.33 26.58 -13.24
N SER A 219 -6.51 25.33 -13.61
CA SER A 219 -5.58 24.34 -13.11
C SER A 219 -4.43 23.99 -14.10
N SER A 220 -3.36 23.46 -13.52
CA SER A 220 -2.14 23.04 -14.22
C SER A 220 -1.88 21.53 -14.10
N ALA A 221 -1.19 20.93 -15.09
CA ALA A 221 -0.83 19.52 -14.98
C ALA A 221 0.26 19.34 -13.89
N LEU A 222 1.14 20.33 -13.77
CA LEU A 222 2.22 20.21 -12.76
C LEU A 222 2.50 21.56 -12.16
N ASN A 223 2.44 21.61 -10.83
CA ASN A 223 2.71 22.83 -10.08
C ASN A 223 3.83 22.56 -9.06
N ILE A 224 4.82 23.43 -9.01
CA ILE A 224 6.00 23.19 -8.19
C ILE A 224 6.30 24.47 -7.49
N THR A 225 6.48 24.38 -6.18
CA THR A 225 6.97 25.57 -5.45
C THR A 225 8.14 25.15 -4.58
N SER A 226 9.11 26.05 -4.43
CA SER A 226 10.18 25.82 -3.45
C SER A 226 10.46 27.10 -2.70
N GLY A 227 10.64 26.99 -1.39
CA GLY A 227 11.12 28.12 -0.61
C GLY A 227 12.57 27.99 -0.18
N ASN A 228 13.30 27.07 -0.81
CA ASN A 228 14.71 26.92 -0.51
C ASN A 228 15.60 27.90 -1.31
N GLU A 229 16.29 28.82 -0.63
CA GLU A 229 17.09 29.79 -1.35
C GLU A 229 18.39 29.27 -1.91
N ASN A 230 18.88 28.14 -1.43
CA ASN A 230 20.18 27.63 -1.90
C ASN A 230 20.17 26.52 -2.95
N GLY A 231 19.01 26.26 -3.52
CA GLY A 231 18.88 25.26 -4.59
C GLY A 231 17.83 25.66 -5.61
N SER A 232 18.06 25.31 -6.89
CA SER A 232 17.04 25.57 -7.92
C SER A 232 15.77 24.80 -7.64
N ALA A 233 14.62 25.47 -7.76
CA ALA A 233 13.38 24.75 -7.60
C ALA A 233 13.31 23.54 -8.51
N MET A 234 13.84 23.69 -9.71
CA MET A 234 13.84 22.55 -10.63
C MET A 234 15.11 22.52 -11.45
N GLN A 235 15.63 21.31 -11.59
CA GLN A 235 16.85 21.14 -12.37
C GLN A 235 16.63 20.07 -13.45
N LEU A 236 17.14 20.34 -14.65
CA LEU A 236 16.93 19.43 -15.78
C LEU A 236 18.26 19.29 -16.48
N ARG A 237 18.62 18.06 -16.81
CA ARG A 237 19.85 17.89 -17.59
C ARG A 237 19.59 16.82 -18.65
N GLY A 238 20.05 17.06 -19.87
CA GLY A 238 19.83 16.07 -20.94
C GLY A 238 21.04 16.04 -21.84
N SER A 239 21.08 15.08 -22.75
CA SER A 239 22.21 15.02 -23.65
C SER A 239 21.71 14.65 -25.02
N GLU A 240 20.90 15.52 -25.55
CA GLU A 240 20.27 15.28 -26.85
C GLU A 240 21.26 15.50 -27.98
N LYS A 241 21.18 14.71 -29.05
CA LYS A 241 21.98 15.00 -30.22
C LYS A 241 21.43 16.21 -31.00
N ALA A 242 20.10 16.22 -31.21
CA ALA A 242 19.51 17.17 -32.17
C ALA A 242 18.13 17.63 -31.76
N LEU A 243 17.96 17.86 -30.46
CA LEU A 243 16.67 18.22 -29.91
C LEU A 243 16.96 19.10 -28.74
N GLY A 244 15.92 19.69 -28.20
CA GLY A 244 16.13 20.51 -26.96
C GLY A 244 15.97 19.67 -25.71
N THR A 245 16.80 19.98 -24.71
CA THR A 245 16.69 19.34 -23.41
C THR A 245 15.29 19.51 -22.81
N LEU A 246 14.78 20.73 -22.89
CA LEU A 246 13.34 20.96 -22.66
C LEU A 246 12.68 21.36 -23.98
N LYS A 247 11.61 20.69 -24.36
CA LYS A 247 10.89 21.12 -25.58
C LYS A 247 9.50 21.56 -25.12
N ILE A 248 9.13 22.80 -25.44
CA ILE A 248 7.79 23.33 -25.09
C ILE A 248 7.04 23.63 -26.38
N THR A 249 5.85 23.09 -26.52
CA THR A 249 4.97 23.46 -27.63
C THR A 249 3.72 24.16 -27.10
N HIS A 250 3.41 25.35 -27.61
CA HIS A 250 2.06 25.91 -27.40
C HIS A 250 1.23 25.64 -28.64
N GLU A 251 0.03 25.07 -28.42
CA GLU A 251 -0.92 24.82 -29.52
C GLU A 251 -2.17 25.72 -29.31
N ASN A 252 -2.53 26.48 -30.32
CA ASN A 252 -3.78 27.26 -30.28
C ASN A 252 -4.97 26.37 -29.87
N PRO A 253 -5.72 26.72 -28.79
CA PRO A 253 -6.88 25.93 -28.40
C PRO A 253 -8.07 26.12 -29.38
N SER A 254 -7.96 27.09 -30.27
CA SER A 254 -9.03 27.48 -31.19
C SER A 254 -8.64 27.41 -32.64
N ILE A 255 -9.63 27.35 -33.53
CA ILE A 255 -9.30 27.41 -34.94
C ILE A 255 -9.12 28.88 -35.38
N GLY A 256 -9.54 29.80 -34.52
CA GLY A 256 -9.43 31.24 -34.76
C GLY A 256 -7.98 31.70 -34.71
N ALA A 257 -7.52 32.35 -35.78
CA ALA A 257 -6.10 32.70 -36.05
C ALA A 257 -5.49 33.59 -34.98
N ASP A 258 -6.29 34.43 -34.36
CA ASP A 258 -5.75 35.20 -33.28
C ASP A 258 -6.38 35.00 -31.92
N TYR A 259 -7.00 33.86 -31.70
CA TYR A 259 -7.67 33.59 -30.43
C TYR A 259 -6.67 33.64 -29.26
N ASP A 260 -5.49 33.12 -29.56
CA ASP A 260 -4.41 32.99 -28.55
C ASP A 260 -3.36 34.12 -28.60
N LYS A 261 -3.78 35.30 -29.02
CA LYS A 261 -2.91 36.45 -29.13
C LYS A 261 -2.28 36.83 -27.81
N ASN A 262 -2.88 36.43 -26.68
CA ASN A 262 -2.25 36.74 -25.39
C ASN A 262 -1.45 35.58 -24.75
N ALA A 263 -1.33 34.48 -25.47
CA ALA A 263 -0.64 33.27 -24.93
C ALA A 263 0.88 33.31 -25.20
N ALA A 264 1.64 32.40 -24.59
CA ALA A 264 3.08 32.30 -24.87
C ALA A 264 3.46 30.87 -24.57
N ALA A 265 4.54 30.39 -25.15
CA ALA A 265 5.08 29.08 -24.79
C ALA A 265 5.76 29.17 -23.40
N LEU A 266 6.45 30.29 -23.16
CA LEU A 266 7.12 30.47 -21.85
C LEU A 266 6.84 31.86 -21.35
N SER A 267 6.45 31.94 -20.07
CA SER A 267 6.13 33.25 -19.46
C SER A 267 6.94 33.28 -18.17
N ILE A 268 7.61 34.40 -17.95
CA ILE A 268 8.49 34.53 -16.76
C ILE A 268 8.03 35.77 -16.00
N ASP A 269 7.95 35.67 -14.68
CA ASP A 269 7.71 36.86 -13.87
C ASP A 269 8.80 36.91 -12.80
N ILE A 270 9.17 38.11 -12.44
CA ILE A 270 10.28 38.34 -11.49
C ILE A 270 9.67 39.31 -10.42
N VAL A 271 9.47 38.81 -9.20
CA VAL A 271 8.72 39.57 -8.18
C VAL A 271 9.49 39.72 -6.86
N LYS A 272 9.10 40.74 -6.11
CA LYS A 272 9.65 40.94 -4.77
C LYS A 272 8.94 40.04 -3.76
N LYS A 273 9.53 39.96 -2.54
CA LYS A 273 8.88 39.33 -1.40
C LYS A 273 7.71 40.26 -0.93
N THR A 274 6.65 39.67 -0.37
CA THR A 274 5.60 40.50 0.24
C THR A 274 6.29 41.39 1.26
N ASN A 275 5.99 42.68 1.21
CA ASN A 275 6.59 43.62 2.14
C ASN A 275 8.08 43.83 1.95
N GLY A 276 8.60 43.34 0.83
CA GLY A 276 9.95 43.62 0.47
C GLY A 276 10.15 44.94 -0.27
N ALA A 277 11.41 45.33 -0.38
CA ALA A 277 11.75 46.61 -0.97
C ALA A 277 11.93 46.50 -2.50
N GLY A 278 11.99 45.28 -3.05
CA GLY A 278 12.22 45.14 -4.51
C GLY A 278 12.97 43.87 -4.81
N THR A 279 13.45 43.77 -6.05
CA THR A 279 14.19 42.60 -6.49
C THR A 279 15.23 43.03 -7.53
N ALA A 280 16.32 42.27 -7.62
CA ALA A 280 17.34 42.49 -8.62
C ALA A 280 17.53 41.23 -9.48
N ALA A 281 16.65 40.25 -9.34
CA ALA A 281 16.82 38.99 -10.06
C ALA A 281 16.73 39.25 -11.58
N GLN A 282 17.49 38.42 -12.32
CA GLN A 282 17.52 38.43 -13.76
C GLN A 282 16.40 37.61 -14.35
N GLY A 283 16.09 37.84 -15.62
CA GLY A 283 15.00 37.08 -16.25
C GLY A 283 15.56 35.74 -16.73
N ILE A 284 16.17 35.75 -17.91
CA ILE A 284 16.86 34.60 -18.43
C ILE A 284 18.38 34.80 -18.43
N TYR A 285 19.11 33.77 -17.96
CA TYR A 285 20.56 33.81 -17.96
C TYR A 285 21.04 32.61 -18.79
N ILE A 286 21.82 32.86 -19.82
CA ILE A 286 22.38 31.77 -20.66
C ILE A 286 23.90 31.79 -20.55
N ASN A 287 24.52 30.65 -20.33
CA ASN A 287 25.97 30.64 -20.39
C ASN A 287 26.42 29.33 -21.07
N SER A 288 27.69 29.22 -21.42
CA SER A 288 28.25 27.91 -21.74
C SER A 288 29.59 27.86 -21.01
N THR A 289 29.64 27.12 -19.91
CA THR A 289 30.80 27.18 -19.03
C THR A 289 32.03 26.54 -19.70
N SER A 290 31.79 25.64 -20.63
CA SER A 290 32.92 25.14 -21.40
C SER A 290 33.18 25.77 -22.77
N GLY A 291 32.23 26.56 -23.31
CA GLY A 291 32.43 27.28 -24.57
C GLY A 291 31.62 26.52 -25.60
N THR A 292 30.59 27.13 -26.17
CA THR A 292 29.88 26.53 -27.32
C THR A 292 30.17 27.30 -28.62
N THR A 293 30.14 26.60 -29.78
CA THR A 293 30.21 27.27 -31.03
C THR A 293 28.78 27.42 -31.60
N GLY A 294 27.75 27.05 -30.84
CA GLY A 294 26.37 27.21 -31.37
C GLY A 294 25.83 28.63 -31.16
N LYS A 295 24.77 29.00 -31.88
CA LYS A 295 24.03 30.21 -31.57
C LYS A 295 23.41 30.11 -30.17
N LEU A 296 23.55 31.20 -29.42
CA LEU A 296 23.12 31.20 -28.04
C LEU A 296 21.60 31.45 -27.97
N LEU A 297 21.11 32.26 -28.89
CA LEU A 297 19.63 32.44 -29.01
C LEU A 297 19.31 32.46 -30.51
N ARG A 298 18.36 31.63 -30.92
CA ARG A 298 18.02 31.59 -32.37
C ARG A 298 16.51 31.59 -32.49
N ILE A 299 15.98 32.63 -33.10
CA ILE A 299 14.54 32.86 -33.22
C ILE A 299 14.12 32.74 -34.68
N ARG A 300 13.15 31.85 -34.94
CA ARG A 300 12.71 31.58 -36.29
C ARG A 300 11.21 31.69 -36.35
N ASN A 301 10.69 31.85 -37.57
CA ASN A 301 9.23 31.73 -37.77
C ASN A 301 9.06 31.04 -39.13
N LEU A 302 8.23 30.01 -39.20
CA LEU A 302 8.10 29.18 -40.45
C LEU A 302 9.44 28.59 -40.81
N SER A 303 10.20 28.25 -39.78
CA SER A 303 11.55 27.69 -39.97
C SER A 303 12.45 28.59 -40.85
N ASP A 304 12.33 29.91 -40.69
CA ASP A 304 13.23 30.84 -41.33
C ASP A 304 13.87 31.65 -40.20
N ASP A 305 15.20 31.75 -40.17
CA ASP A 305 15.93 32.59 -39.13
C ASP A 305 15.44 34.04 -39.19
N LYS A 306 14.88 34.57 -38.06
CA LYS A 306 14.43 35.95 -38.02
C LYS A 306 15.31 36.84 -37.14
N PHE A 307 15.89 36.25 -36.12
CA PHE A 307 16.80 37.06 -35.23
C PHE A 307 17.64 36.13 -34.43
N TYR A 308 18.96 36.30 -34.37
CA TYR A 308 19.72 35.36 -33.56
C TYR A 308 20.95 36.05 -32.95
N VAL A 309 21.44 35.49 -31.85
CA VAL A 309 22.68 35.97 -31.21
C VAL A 309 23.69 34.84 -31.39
N LYS A 310 24.76 35.17 -32.07
CA LYS A 310 25.79 34.17 -32.40
C LYS A 310 26.59 33.80 -31.15
N SER A 311 27.45 32.79 -31.24
CA SER A 311 28.22 32.38 -30.07
C SER A 311 29.14 33.52 -29.56
N ASP A 312 29.49 34.46 -30.41
CA ASP A 312 30.36 35.61 -30.01
C ASP A 312 29.63 36.85 -29.53
N GLY A 313 28.30 36.81 -29.61
CA GLY A 313 27.47 37.93 -29.14
C GLY A 313 26.98 38.89 -30.21
N GLY A 314 27.50 38.77 -31.43
CA GLY A 314 26.98 39.60 -32.53
C GLY A 314 25.55 39.10 -32.82
N PHE A 315 24.66 39.98 -33.26
CA PHE A 315 23.29 39.53 -33.59
C PHE A 315 22.93 39.75 -35.05
N TYR A 316 21.84 39.09 -35.48
CA TYR A 316 21.21 39.36 -36.77
C TYR A 316 19.72 39.60 -36.50
N ALA A 317 19.17 40.58 -37.21
CA ALA A 317 17.72 40.82 -37.26
C ALA A 317 17.31 41.00 -38.73
N LYS A 318 16.23 40.32 -39.10
CA LYS A 318 15.88 40.14 -40.53
C LYS A 318 15.18 41.37 -41.06
N GLU A 319 14.58 42.18 -40.17
CA GLU A 319 13.82 43.36 -40.66
C GLU A 319 14.10 44.65 -39.91
N THR A 320 13.62 45.73 -40.52
CA THR A 320 13.77 47.09 -39.97
C THR A 320 13.43 47.10 -38.48
N SER A 321 14.29 47.78 -37.71
CA SER A 321 14.22 47.73 -36.24
C SER A 321 14.28 49.17 -35.70
N GLN A 322 14.08 49.32 -34.39
CA GLN A 322 13.96 50.64 -33.76
C GLN A 322 14.58 50.65 -32.36
N ILE A 323 15.40 51.66 -32.09
CA ILE A 323 15.89 51.93 -30.71
C ILE A 323 15.35 53.33 -30.34
N ASP A 324 14.67 53.43 -29.21
CA ASP A 324 14.22 54.78 -28.73
C ASP A 324 15.34 55.45 -27.94
N GLY A 325 16.47 55.62 -28.59
CA GLY A 325 17.66 56.08 -27.88
C GLY A 325 18.79 56.13 -28.89
N ASN A 326 20.03 56.31 -28.43
CA ASN A 326 21.14 56.36 -29.36
C ASN A 326 21.72 54.98 -29.46
N LEU A 327 22.60 54.76 -30.44
CA LEU A 327 23.32 53.48 -30.53
C LEU A 327 24.81 53.82 -30.52
N LYS A 328 25.55 53.31 -29.55
CA LYS A 328 27.03 53.51 -29.47
C LYS A 328 27.69 52.36 -30.23
N LEU A 329 28.52 52.67 -31.23
CA LEU A 329 29.14 51.57 -32.03
C LEU A 329 30.49 52.04 -32.59
N LYS A 330 31.15 51.16 -33.38
CA LYS A 330 32.45 51.53 -33.99
C LYS A 330 32.33 52.26 -35.32
N ASP A 331 33.39 53.02 -35.63
CA ASP A 331 33.49 53.76 -36.89
C ASP A 331 33.41 52.76 -38.04
N PRO A 332 32.71 53.14 -39.12
CA PRO A 332 32.44 52.25 -40.22
C PRO A 332 33.70 52.00 -41.03
N THR A 333 33.83 50.78 -41.51
CA THR A 333 34.92 50.44 -42.43
C THR A 333 34.41 49.95 -43.79
N ALA A 334 33.17 49.45 -43.85
CA ALA A 334 32.62 48.96 -45.11
C ALA A 334 31.47 49.85 -45.49
N ASN A 335 31.08 49.82 -46.76
CA ASN A 335 30.06 50.73 -47.23
C ASN A 335 28.70 50.53 -46.59
N ASP A 336 28.43 49.32 -46.12
CA ASP A 336 27.13 49.09 -45.51
C ASP A 336 27.14 49.15 -44.00
N HIS A 337 28.22 49.66 -43.43
CA HIS A 337 28.28 49.92 -41.99
C HIS A 337 27.62 51.22 -41.59
N ALA A 338 26.93 51.24 -40.45
CA ALA A 338 26.35 52.47 -39.93
C ALA A 338 27.52 53.41 -39.66
N ALA A 339 27.33 54.66 -40.04
CA ALA A 339 28.31 55.71 -39.78
C ALA A 339 28.10 56.30 -38.36
N THR A 340 29.21 56.65 -37.72
CA THR A 340 29.13 57.35 -36.44
C THR A 340 29.14 58.87 -36.69
N LYS A 341 28.77 59.59 -35.64
CA LYS A 341 28.86 61.04 -35.64
C LYS A 341 30.30 61.49 -35.93
N ALA A 342 31.30 60.83 -35.33
CA ALA A 342 32.72 61.15 -35.58
C ALA A 342 33.07 60.98 -37.04
N TYR A 343 32.56 59.92 -37.67
CA TYR A 343 32.84 59.70 -39.11
C TYR A 343 32.26 60.85 -39.94
N VAL A 344 31.01 61.23 -39.67
CA VAL A 344 30.39 62.32 -40.39
C VAL A 344 31.17 63.61 -40.18
N ASP A 345 31.43 63.93 -38.90
CA ASP A 345 32.04 65.23 -38.56
C ASP A 345 33.41 65.39 -39.22
N LYS A 346 34.18 64.29 -39.25
CA LYS A 346 35.48 64.26 -39.92
C LYS A 346 35.33 64.44 -41.43
N ALA A 347 34.41 63.70 -42.05
CA ALA A 347 34.20 63.89 -43.49
C ALA A 347 33.84 65.33 -43.86
N ILE A 348 32.99 65.96 -43.04
CA ILE A 348 32.56 67.33 -43.27
C ILE A 348 33.79 68.28 -43.10
N SER A 349 34.55 68.10 -42.02
CA SER A 349 35.75 68.91 -41.78
C SER A 349 36.79 68.85 -42.91
N GLU A 350 37.05 67.64 -43.41
CA GLU A 350 38.00 67.43 -44.51
C GLU A 350 37.55 68.09 -45.78
N LEU A 351 36.28 67.93 -46.10
CA LEU A 351 35.72 68.63 -47.24
C LEU A 351 35.87 70.16 -47.12
N LYS A 352 35.50 70.70 -45.97
CA LYS A 352 35.71 72.11 -45.66
C LYS A 352 37.17 72.57 -45.90
N LYS A 353 38.14 71.89 -45.30
CA LYS A 353 39.56 72.21 -45.52
C LYS A 353 39.96 72.10 -47.01
N LEU A 354 39.41 71.11 -47.71
CA LEU A 354 39.75 70.86 -49.12
C LEU A 354 39.20 71.99 -49.99
N ILE A 355 37.95 72.38 -49.74
CA ILE A 355 37.35 73.40 -50.60
C ILE A 355 38.07 74.73 -50.42
N LEU A 356 38.30 75.11 -49.16
CA LEU A 356 38.72 76.47 -48.83
C LEU A 356 40.24 76.63 -48.83
N LYS A 357 40.93 75.54 -49.21
CA LYS A 357 42.24 75.64 -49.88
C LYS A 357 43.14 74.49 -49.52
NA NA B . 13.84 27.86 -44.05
NA NA B . 15.16 29.50 -44.38
NA NA C . 28.91 28.42 -35.01
#